data_4A78
#
_entry.id   4A78
#
_cell.length_a   51.000
_cell.length_b   75.350
_cell.length_c   106.510
_cell.angle_alpha   90.00
_cell.angle_beta   90.00
_cell.angle_gamma   90.00
#
_symmetry.space_group_name_H-M   'P 21 21 21'
#
loop_
_entity.id
_entity.type
_entity.pdbx_description
1 polymer 'CYTOCHROME C PEROXIDASE, MITOCHONDRIAL'
2 non-polymer 'PROTOPORPHYRIN IX CONTAINING FE'
3 non-polymer Guaiacol
4 water water
#
_entity_poly.entity_id   1
_entity_poly.type   'polypeptide(L)'
_entity_poly.pdbx_seq_one_letter_code
;MKTTPLVHVASVEKGRSYEDFQKVYNAIALKLREDDEYDNAIGYGPVLVRLAWHTSGTWDKHDNTGGSYGGTYRFKKEFN
DPSNAGLQNGFKFLEPIHKEFPWISSGDLFSLGGVTAVQEWQGPKIPWRCGRVDTPEDTTPDNGRLPDADKDADYVRTFF
QRLNMNDREVVALMGAHALGKTHLKNSGYEGPWGAANNVFTNEFYLNLLNEDWKLEKNDANNEQWDSKSGYMMLPTDYSL
IQDPKYLSIVKEYANDQDKFFKDFSKAFEKLLENGITFPKDAPSPFIFKTLEEQGL
;
_entity_poly.pdbx_strand_id   A
#
loop_
_chem_comp.id
_chem_comp.type
_chem_comp.name
_chem_comp.formula
HEM non-polymer 'PROTOPORPHYRIN IX CONTAINING FE' 'C34 H32 Fe N4 O4'
JZ3 non-polymer Guaiacol 'C7 H8 O2'
#
# COMPACT_ATOMS: atom_id res chain seq x y z
N THR A 4 -13.28 -13.04 20.49
CA THR A 4 -13.06 -11.74 21.23
C THR A 4 -12.50 -10.54 20.42
N PRO A 5 -13.00 -10.32 19.17
CA PRO A 5 -12.72 -9.04 18.45
C PRO A 5 -13.25 -7.70 19.06
N LEU A 6 -12.35 -6.71 19.10
CA LEU A 6 -12.67 -5.29 19.20
C LEU A 6 -13.65 -4.89 18.10
N VAL A 7 -14.50 -3.92 18.40
CA VAL A 7 -15.34 -3.31 17.40
C VAL A 7 -14.89 -1.84 17.23
N HIS A 8 -14.70 -1.43 15.99
CA HIS A 8 -14.25 -0.08 15.63
C HIS A 8 -15.27 0.44 14.66
N VAL A 9 -16.17 1.31 15.13
CA VAL A 9 -17.21 1.88 14.29
C VAL A 9 -16.67 3.17 13.64
N ALA A 10 -16.81 3.26 12.31
CA ALA A 10 -16.39 4.43 11.59
C ALA A 10 -17.33 5.60 12.05
N SER A 11 -16.71 6.73 12.36
CA SER A 11 -17.38 7.97 12.76
C SER A 11 -16.88 9.10 11.84
N VAL A 12 -17.75 9.52 10.93
CA VAL A 12 -17.38 10.62 10.01
C VAL A 12 -16.87 11.84 10.79
N GLU A 13 -15.79 12.44 10.31
CA GLU A 13 -15.26 13.66 10.91
C GLU A 13 -16.41 14.69 10.87
N LYS A 14 -16.66 15.34 12.00
CA LYS A 14 -17.92 16.12 12.18
C LYS A 14 -18.22 17.11 11.05
N GLY A 15 -19.36 16.95 10.39
CA GLY A 15 -19.84 17.95 9.39
C GLY A 15 -19.19 17.79 8.03
N ARG A 16 -18.25 16.85 7.89
CA ARG A 16 -17.45 16.72 6.64
C ARG A 16 -18.19 15.88 5.62
N SER A 17 -17.96 16.21 4.36
CA SER A 17 -18.61 15.51 3.24
C SER A 17 -17.57 15.28 2.13
N TYR A 18 -18.00 14.71 1.00
CA TYR A 18 -17.10 14.38 -0.14
C TYR A 18 -16.20 15.57 -0.49
N GLU A 19 -16.76 16.78 -0.49
CA GLU A 19 -16.03 17.91 -0.97
C GLU A 19 -14.88 18.27 -0.03
N ASP A 20 -15.01 18.00 1.26
CA ASP A 20 -13.90 18.20 2.21
C ASP A 20 -12.72 17.21 1.93
N PHE A 21 -13.05 15.96 1.70
CA PHE A 21 -12.01 14.95 1.43
C PHE A 21 -11.36 15.11 0.05
N GLN A 22 -12.11 15.61 -0.94
CA GLN A 22 -11.54 15.92 -2.24
C GLN A 22 -10.45 16.97 -2.09
N LYS A 23 -10.67 17.95 -1.19
CA LYS A 23 -9.67 18.98 -0.94
C LYS A 23 -8.37 18.45 -0.36
N VAL A 24 -8.49 17.60 0.66
CA VAL A 24 -7.37 16.82 1.22
C VAL A 24 -6.66 15.97 0.14
N TYR A 25 -7.43 15.30 -0.71
CA TYR A 25 -6.91 14.55 -1.86
C TYR A 25 -6.11 15.51 -2.77
N ASN A 26 -6.71 16.67 -3.09
CA ASN A 26 -6.04 17.65 -3.94
C ASN A 26 -4.74 18.14 -3.31
N ALA A 27 -4.77 18.46 -2.02
CA ALA A 27 -3.56 18.87 -1.31
C ALA A 27 -2.44 17.77 -1.43
N ILE A 28 -2.79 16.51 -1.16
CA ILE A 28 -1.80 15.40 -1.31
C ILE A 28 -1.21 15.35 -2.73
N ALA A 29 -2.10 15.31 -3.73
CA ALA A 29 -1.78 15.24 -5.14
C ALA A 29 -0.97 16.42 -5.65
N LEU A 30 -1.33 17.63 -5.21
CA LEU A 30 -0.56 18.85 -5.51
C LEU A 30 0.88 18.77 -4.96
N LYS A 31 1.04 18.34 -3.71
CA LYS A 31 2.39 18.15 -3.10
C LYS A 31 3.19 16.99 -3.81
N LEU A 32 2.49 15.93 -4.21
CA LEU A 32 3.09 14.81 -4.98
C LEU A 32 3.68 15.37 -6.28
N ARG A 33 2.95 16.29 -6.92
CA ARG A 33 3.41 16.93 -8.14
C ARG A 33 4.63 17.80 -7.83
N GLU A 34 4.57 18.45 -6.67
CA GLU A 34 5.55 19.46 -6.34
C GLU A 34 6.89 18.94 -5.88
N ASP A 35 6.88 17.97 -4.97
CA ASP A 35 8.10 17.35 -4.41
C ASP A 35 8.57 16.19 -5.31
N ASP A 36 8.74 16.49 -6.60
CA ASP A 36 8.91 15.44 -7.59
C ASP A 36 10.33 14.86 -7.65
N GLU A 37 11.29 15.51 -6.97
CA GLU A 37 12.70 15.07 -6.92
C GLU A 37 12.98 13.88 -5.99
N TYR A 38 12.06 13.60 -5.08
CA TYR A 38 12.31 12.62 -4.04
C TYR A 38 12.65 11.21 -4.64
N ASP A 39 13.61 10.52 -4.01
CA ASP A 39 14.03 9.17 -4.42
C ASP A 39 14.38 9.10 -5.92
N ASN A 40 15.31 9.99 -6.29
CA ASN A 40 15.78 10.13 -7.65
C ASN A 40 14.69 10.35 -8.69
N ALA A 41 13.79 11.30 -8.40
CA ALA A 41 12.72 11.72 -9.30
C ALA A 41 11.62 10.68 -9.42
N ILE A 42 11.57 9.78 -8.46
CA ILE A 42 10.43 8.85 -8.41
C ILE A 42 9.19 9.58 -7.81
N GLY A 43 9.45 10.49 -6.86
CA GLY A 43 8.42 11.21 -6.11
C GLY A 43 7.96 10.35 -4.94
N TYR A 44 6.99 10.88 -4.18
CA TYR A 44 6.53 10.25 -2.97
C TYR A 44 5.44 9.21 -3.14
N GLY A 45 4.95 9.02 -4.37
CA GLY A 45 3.85 8.11 -4.65
C GLY A 45 4.04 6.70 -4.07
N PRO A 46 5.11 5.97 -4.49
CA PRO A 46 5.31 4.63 -3.92
C PRO A 46 5.43 4.56 -2.38
N VAL A 47 6.21 5.44 -1.75
CA VAL A 47 6.30 5.42 -0.28
C VAL A 47 4.92 5.67 0.45
N LEU A 48 4.06 6.48 -0.17
CA LEU A 48 2.72 6.72 0.39
C LEU A 48 1.84 5.46 0.27
N VAL A 49 2.02 4.73 -0.84
CA VAL A 49 1.26 3.49 -1.09
C VAL A 49 1.73 2.43 -0.10
N ARG A 50 3.06 2.32 0.07
CA ARG A 50 3.63 1.49 1.11
C ARG A 50 3.19 1.85 2.55
N LEU A 51 3.14 3.15 2.86
CA LEU A 51 2.61 3.60 4.15
C LEU A 51 1.15 3.17 4.39
N ALA A 52 0.27 3.38 3.41
CA ALA A 52 -1.13 2.92 3.51
C ALA A 52 -1.21 1.41 3.78
N TRP A 53 -0.38 0.65 3.06
CA TRP A 53 -0.38 -0.79 3.24
C TRP A 53 0.12 -1.22 4.60
N HIS A 54 1.27 -0.70 5.03
CA HIS A 54 1.81 -1.05 6.33
C HIS A 54 1.03 -0.62 7.57
N THR A 55 0.36 0.53 7.48
CA THR A 55 -0.51 0.97 8.54
C THR A 55 -1.82 0.15 8.61
N SER A 56 -2.25 -0.40 7.47
CA SER A 56 -3.39 -1.31 7.43
C SER A 56 -3.02 -2.77 7.71
N GLY A 57 -1.88 -3.24 7.19
CA GLY A 57 -1.50 -4.68 7.15
C GLY A 57 -1.01 -5.30 8.46
N THR A 58 -1.08 -4.51 9.53
CA THR A 58 -0.87 -5.02 10.88
C THR A 58 -2.14 -5.67 11.44
N TRP A 59 -3.23 -5.59 10.67
CA TRP A 59 -4.49 -6.16 11.12
C TRP A 59 -4.45 -7.67 11.43
N ASP A 60 -5.22 -8.05 12.45
CA ASP A 60 -5.40 -9.48 12.72
C ASP A 60 -6.90 -9.74 12.75
N LYS A 61 -7.41 -10.42 11.73
CA LYS A 61 -8.82 -10.83 11.64
C LYS A 61 -9.33 -11.57 12.88
N HIS A 62 -8.47 -12.17 13.70
CA HIS A 62 -8.92 -13.04 14.79
C HIS A 62 -9.45 -12.27 16.00
N ASP A 63 -8.83 -11.14 16.30
CA ASP A 63 -9.21 -10.34 17.45
C ASP A 63 -9.44 -8.85 17.07
N ASN A 64 -9.36 -8.51 15.78
CA ASN A 64 -9.45 -7.11 15.28
C ASN A 64 -8.46 -6.11 15.87
N THR A 65 -7.28 -6.59 16.24
CA THR A 65 -6.19 -5.72 16.64
C THR A 65 -5.46 -5.23 15.37
N GLY A 66 -4.59 -4.22 15.56
CA GLY A 66 -3.94 -3.51 14.45
C GLY A 66 -4.98 -2.98 13.47
N GLY A 67 -4.61 -2.80 12.19
CA GLY A 67 -5.52 -2.26 11.19
C GLY A 67 -5.40 -0.75 11.01
N SER A 68 -6.03 -0.25 9.94
CA SER A 68 -6.00 1.19 9.59
C SER A 68 -6.81 2.11 10.52
N TYR A 69 -7.76 1.55 11.26
CA TYR A 69 -8.67 2.39 12.04
C TYR A 69 -7.98 3.40 12.96
N GLY A 70 -7.11 2.91 13.86
CA GLY A 70 -6.53 3.72 14.92
C GLY A 70 -5.47 4.75 14.57
N GLY A 71 -4.82 4.58 13.42
CA GLY A 71 -3.80 5.50 12.99
C GLY A 71 -2.57 5.42 13.88
N THR A 72 -2.22 4.21 14.31
CA THR A 72 -1.25 4.03 15.40
C THR A 72 0.21 4.16 14.98
N TYR A 73 0.46 4.27 13.67
CA TYR A 73 1.81 4.49 13.14
C TYR A 73 2.39 5.78 13.74
N ARG A 74 1.51 6.69 14.14
CA ARG A 74 1.98 7.95 14.70
C ARG A 74 2.76 7.74 16.02
N PHE A 75 2.63 6.55 16.63
CA PHE A 75 3.32 6.22 17.88
C PHE A 75 4.62 5.44 17.67
N LYS A 76 5.60 5.79 18.53
CA LYS A 76 6.99 5.33 18.53
C LYS A 76 7.21 3.85 18.19
N LYS A 77 6.48 2.97 18.87
CA LYS A 77 6.59 1.52 18.69
C LYS A 77 6.36 1.07 17.24
N GLU A 78 5.31 1.62 16.61
CA GLU A 78 4.97 1.30 15.23
C GLU A 78 5.86 2.03 14.22
N PHE A 79 6.11 3.33 14.40
CA PHE A 79 7.01 4.00 13.45
C PHE A 79 8.45 3.50 13.48
N ASN A 80 8.85 2.97 14.65
CA ASN A 80 10.17 2.32 14.80
C ASN A 80 10.23 0.83 14.50
N ASP A 81 9.12 0.25 14.07
CA ASP A 81 9.17 -1.09 13.55
C ASP A 81 10.24 -1.19 12.43
N PRO A 82 11.17 -2.17 12.54
CA PRO A 82 12.10 -2.43 11.41
C PRO A 82 11.41 -2.65 10.06
N SER A 83 10.24 -3.28 10.06
CA SER A 83 9.42 -3.44 8.86
C SER A 83 8.99 -2.14 8.21
N ASN A 84 9.00 -1.06 8.99
CA ASN A 84 8.57 0.26 8.53
C ASN A 84 9.72 1.19 8.16
N ALA A 85 10.94 0.67 8.11
CA ALA A 85 12.13 1.50 7.89
C ALA A 85 11.98 2.21 6.56
N GLY A 86 12.12 3.55 6.55
CA GLY A 86 11.91 4.34 5.33
C GLY A 86 10.57 5.05 5.23
N LEU A 87 9.56 4.55 5.94
CA LEU A 87 8.22 5.08 5.84
C LEU A 87 8.08 6.45 6.49
N GLN A 88 9.04 6.81 7.34
CA GLN A 88 9.15 8.13 7.98
C GLN A 88 9.11 9.24 6.96
N ASN A 89 9.69 8.96 5.80
CA ASN A 89 9.61 9.84 4.63
C ASN A 89 8.19 10.20 4.16
N GLY A 90 7.33 9.18 4.12
CA GLY A 90 5.90 9.29 3.81
C GLY A 90 5.14 10.04 4.90
N PHE A 91 5.45 9.71 6.16
CA PHE A 91 4.91 10.43 7.31
C PHE A 91 5.23 11.93 7.22
N LYS A 92 6.50 12.24 6.96
CA LYS A 92 7.00 13.61 6.80
C LYS A 92 6.37 14.35 5.60
N PHE A 93 6.22 13.70 4.46
CA PHE A 93 5.41 14.22 3.37
C PHE A 93 3.99 14.69 3.83
N LEU A 94 3.36 13.88 4.66
CA LEU A 94 1.96 14.07 5.01
C LEU A 94 1.77 15.11 6.13
N GLU A 95 2.85 15.45 6.84
CA GLU A 95 2.80 16.41 7.96
C GLU A 95 2.15 17.74 7.58
N PRO A 96 2.61 18.40 6.50
CA PRO A 96 1.92 19.65 6.10
C PRO A 96 0.45 19.45 5.67
N ILE A 97 0.10 18.27 5.15
CA ILE A 97 -1.33 17.96 4.87
C ILE A 97 -2.15 17.91 6.17
N HIS A 98 -1.61 17.21 7.19
CA HIS A 98 -2.26 17.12 8.48
C HIS A 98 -2.37 18.52 9.14
N LYS A 99 -1.33 19.34 8.96
CA LYS A 99 -1.24 20.69 9.48
C LYS A 99 -2.30 21.58 8.83
N GLU A 100 -2.46 21.50 7.51
CA GLU A 100 -3.52 22.20 6.82
C GLU A 100 -4.92 21.70 7.19
N PHE A 101 -5.08 20.40 7.32
CA PHE A 101 -6.39 19.78 7.56
C PHE A 101 -6.40 18.96 8.85
N PRO A 102 -6.33 19.66 10.01
CA PRO A 102 -6.11 19.04 11.33
C PRO A 102 -7.34 18.19 11.77
N TRP A 103 -8.46 18.41 11.10
CA TRP A 103 -9.67 17.66 11.30
C TRP A 103 -9.68 16.20 10.79
N ILE A 104 -8.83 15.82 9.82
CA ILE A 104 -8.83 14.43 9.33
C ILE A 104 -8.05 13.51 10.31
N SER A 105 -8.66 12.37 10.64
CA SER A 105 -8.02 11.38 11.50
C SER A 105 -6.74 10.87 10.80
N SER A 106 -5.79 10.41 11.62
CA SER A 106 -4.52 9.90 11.16
C SER A 106 -4.71 8.69 10.23
N GLY A 107 -5.57 7.76 10.64
CA GLY A 107 -5.86 6.56 9.84
C GLY A 107 -6.51 6.93 8.53
N ASP A 108 -7.39 7.92 8.55
CA ASP A 108 -7.95 8.45 7.30
C ASP A 108 -6.89 9.09 6.42
N LEU A 109 -5.94 9.83 6.99
CA LEU A 109 -4.90 10.46 6.18
C LEU A 109 -3.90 9.41 5.62
N PHE A 110 -3.49 8.45 6.46
CA PHE A 110 -2.59 7.34 6.01
C PHE A 110 -3.17 6.60 4.81
N SER A 111 -4.44 6.19 4.94
CA SER A 111 -5.15 5.43 3.92
C SER A 111 -5.39 6.29 2.68
N LEU A 112 -5.86 7.54 2.89
CA LEU A 112 -6.06 8.45 1.76
C LEU A 112 -4.78 8.73 0.93
N GLY A 113 -3.64 8.87 1.59
CA GLY A 113 -2.36 9.09 0.92
C GLY A 113 -2.03 8.03 -0.15
N GLY A 114 -2.27 6.76 0.23
CA GLY A 114 -2.16 5.60 -0.67
C GLY A 114 -3.14 5.65 -1.85
N VAL A 115 -4.42 5.95 -1.56
CA VAL A 115 -5.47 6.09 -2.61
C VAL A 115 -5.04 7.18 -3.60
N THR A 116 -4.51 8.29 -3.05
CA THR A 116 -4.17 9.48 -3.87
C THR A 116 -3.00 9.16 -4.81
N ALA A 117 -1.90 8.68 -4.23
CA ALA A 117 -0.73 8.13 -4.99
C ALA A 117 -1.11 7.21 -6.15
N VAL A 118 -1.84 6.13 -5.86
CA VAL A 118 -2.31 5.18 -6.89
C VAL A 118 -3.01 5.92 -8.04
N GLN A 119 -4.05 6.69 -7.70
CA GLN A 119 -4.86 7.42 -8.66
C GLN A 119 -4.10 8.48 -9.46
N GLU A 120 -3.24 9.25 -8.79
CA GLU A 120 -2.42 10.28 -9.46
C GLU A 120 -1.33 9.63 -10.39
N TRP A 121 -0.95 8.39 -10.09
CA TRP A 121 -0.02 7.62 -10.98
C TRP A 121 -0.78 6.91 -12.13
N GLN A 122 -2.05 7.28 -12.29
CA GLN A 122 -2.98 6.74 -13.30
C GLN A 122 -3.38 5.27 -13.10
N GLY A 123 -3.30 4.84 -11.85
CA GLY A 123 -3.80 3.53 -11.49
C GLY A 123 -5.31 3.52 -11.47
N PRO A 124 -5.91 2.43 -10.96
CA PRO A 124 -7.37 2.42 -10.94
C PRO A 124 -7.88 3.42 -9.87
N LYS A 125 -9.12 3.83 -10.07
CA LYS A 125 -9.88 4.55 -9.02
C LYS A 125 -10.10 3.54 -7.90
N ILE A 126 -9.70 3.97 -6.69
CA ILE A 126 -9.94 3.24 -5.46
C ILE A 126 -11.06 3.94 -4.64
N PRO A 127 -12.25 3.33 -4.54
CA PRO A 127 -13.26 3.94 -3.65
C PRO A 127 -12.70 3.96 -2.20
N TRP A 128 -13.01 5.01 -1.45
CA TRP A 128 -12.42 5.28 -0.17
C TRP A 128 -13.49 5.84 0.78
N ARG A 129 -13.49 5.32 2.01
CA ARG A 129 -14.45 5.73 3.02
C ARG A 129 -13.68 6.35 4.18
N CYS A 130 -14.29 7.42 4.73
CA CYS A 130 -13.83 8.14 5.91
C CYS A 130 -14.35 7.53 7.21
N GLY A 131 -13.80 7.94 8.36
CA GLY A 131 -14.39 7.59 9.61
C GLY A 131 -13.52 6.78 10.55
N ARG A 132 -12.28 6.49 10.13
CA ARG A 132 -11.25 5.96 11.05
C ARG A 132 -11.08 7.01 12.14
N VAL A 133 -10.95 6.54 13.39
CA VAL A 133 -10.84 7.41 14.54
C VAL A 133 -9.55 7.03 15.27
N ASP A 134 -8.75 8.04 15.59
CA ASP A 134 -7.52 7.83 16.36
C ASP A 134 -7.78 7.10 17.66
N THR A 135 -6.96 6.09 17.93
CA THR A 135 -7.03 5.37 19.18
C THR A 135 -5.68 5.64 19.90
N PRO A 136 -5.63 5.41 21.25
CA PRO A 136 -4.46 5.73 22.11
C PRO A 136 -3.23 4.84 21.91
N GLU A 137 -2.13 5.24 22.55
CA GLU A 137 -0.84 4.56 22.37
C GLU A 137 -0.83 3.07 22.70
N ASP A 138 -1.67 2.64 23.65
CA ASP A 138 -1.66 1.25 24.08
C ASP A 138 -2.50 0.33 23.17
N THR A 139 -3.02 0.87 22.06
CA THR A 139 -3.72 0.10 21.05
C THR A 139 -2.74 -0.22 19.88
N THR A 140 -1.50 0.29 19.96
CA THR A 140 -0.53 0.20 18.87
C THR A 140 -0.10 -1.27 18.75
N PRO A 141 -0.27 -1.92 17.57
CA PRO A 141 0.12 -3.33 17.46
C PRO A 141 1.61 -3.52 17.70
N ASP A 142 2.03 -4.69 18.20
CA ASP A 142 3.45 -4.99 18.42
C ASP A 142 4.10 -5.14 17.06
N ASN A 143 5.40 -4.91 17.00
CA ASN A 143 6.19 -5.18 15.78
C ASN A 143 6.08 -6.65 15.39
N GLY A 144 6.25 -6.94 14.10
CA GLY A 144 6.41 -8.35 13.64
C GLY A 144 5.16 -8.87 12.93
N ARG A 145 4.20 -7.98 12.63
CA ARG A 145 2.95 -8.37 11.95
C ARG A 145 3.01 -8.14 10.45
N LEU A 146 4.05 -7.46 10.01
CA LEU A 146 4.28 -7.28 8.56
C LEU A 146 5.20 -8.38 7.97
N PRO A 147 5.05 -8.71 6.66
CA PRO A 147 5.65 -9.97 6.18
C PRO A 147 7.15 -9.91 5.85
N ASP A 148 7.81 -11.06 6.00
CA ASP A 148 9.21 -11.28 5.64
C ASP A 148 9.31 -11.41 4.13
N ALA A 149 10.41 -10.94 3.55
CA ALA A 149 10.62 -10.93 2.11
C ALA A 149 11.37 -12.21 1.65
N ASP A 150 11.93 -12.95 2.60
CA ASP A 150 12.88 -14.02 2.28
C ASP A 150 12.25 -15.40 2.30
N LYS A 151 10.93 -15.46 2.13
CA LYS A 151 10.15 -16.65 2.34
C LYS A 151 9.54 -17.16 1.02
N ASP A 152 8.80 -18.24 1.10
CA ASP A 152 8.25 -18.90 -0.09
C ASP A 152 6.72 -18.71 -0.21
N ALA A 153 6.11 -19.31 -1.25
CA ALA A 153 4.67 -19.24 -1.55
C ALA A 153 3.75 -19.69 -0.43
N ASP A 154 4.11 -20.77 0.26
CA ASP A 154 3.37 -21.25 1.43
C ASP A 154 3.31 -20.19 2.55
N TYR A 155 4.45 -19.54 2.85
CA TYR A 155 4.51 -18.47 3.81
C TYR A 155 3.58 -17.29 3.42
N VAL A 156 3.67 -16.85 2.17
CA VAL A 156 2.87 -15.73 1.65
C VAL A 156 1.38 -16.08 1.74
N ARG A 157 1.04 -17.32 1.36
CA ARG A 157 -0.37 -17.76 1.42
C ARG A 157 -0.92 -17.74 2.85
N THR A 158 -0.19 -18.37 3.75
CA THR A 158 -0.53 -18.36 5.16
C THR A 158 -0.54 -16.96 5.75
N PHE A 159 0.49 -16.16 5.46
CA PHE A 159 0.58 -14.79 5.98
C PHE A 159 -0.71 -14.01 5.66
N PHE A 160 -1.15 -14.06 4.40
CA PHE A 160 -2.22 -13.21 3.96
C PHE A 160 -3.58 -13.67 4.49
N GLN A 161 -3.68 -14.93 4.89
CA GLN A 161 -4.89 -15.45 5.53
C GLN A 161 -5.27 -14.68 6.78
N ARG A 162 -4.28 -14.19 7.52
CA ARG A 162 -4.50 -13.33 8.71
C ARG A 162 -5.16 -11.97 8.35
N LEU A 163 -4.95 -11.50 7.10
CA LEU A 163 -5.53 -10.24 6.57
C LEU A 163 -6.79 -10.52 5.77
N ASN A 164 -7.28 -11.76 5.86
CA ASN A 164 -8.48 -12.25 5.14
C ASN A 164 -8.41 -12.10 3.61
N MET A 165 -7.19 -12.33 3.06
CA MET A 165 -6.92 -12.22 1.62
C MET A 165 -6.71 -13.62 1.02
N ASN A 166 -7.36 -13.88 -0.11
CA ASN A 166 -7.21 -15.10 -0.84
C ASN A 166 -6.12 -14.97 -1.92
N ASP A 167 -5.94 -16.01 -2.74
CA ASP A 167 -4.84 -16.02 -3.73
C ASP A 167 -4.96 -14.85 -4.73
N ARG A 168 -6.14 -14.70 -5.33
CA ARG A 168 -6.36 -13.60 -6.27
C ARG A 168 -6.03 -12.22 -5.67
N GLU A 169 -6.47 -12.02 -4.43
CA GLU A 169 -6.25 -10.76 -3.72
C GLU A 169 -4.78 -10.51 -3.42
N VAL A 170 -4.08 -11.55 -2.97
CA VAL A 170 -2.67 -11.50 -2.67
C VAL A 170 -1.89 -11.14 -3.97
N VAL A 171 -2.19 -11.86 -5.07
CA VAL A 171 -1.52 -11.61 -6.38
C VAL A 171 -1.80 -10.19 -6.91
N ALA A 172 -3.08 -9.77 -6.79
CA ALA A 172 -3.45 -8.38 -7.16
C ALA A 172 -2.68 -7.35 -6.32
N LEU A 173 -2.74 -7.45 -5.00
CA LEU A 173 -2.00 -6.53 -4.11
C LEU A 173 -0.51 -6.37 -4.44
N MET A 174 0.16 -7.51 -4.64
CA MET A 174 1.58 -7.50 -4.89
C MET A 174 2.02 -6.72 -6.08
N GLY A 175 1.15 -6.61 -7.09
CA GLY A 175 1.44 -5.84 -8.26
C GLY A 175 1.69 -4.36 -8.01
N ALA A 176 1.45 -3.89 -6.78
CA ALA A 176 1.89 -2.54 -6.35
C ALA A 176 3.40 -2.39 -6.37
N HIS A 177 4.13 -3.52 -6.34
CA HIS A 177 5.60 -3.50 -6.48
C HIS A 177 6.11 -2.87 -7.75
N ALA A 178 5.34 -2.91 -8.83
CA ALA A 178 5.70 -2.12 -10.03
C ALA A 178 6.00 -0.65 -9.79
N LEU A 179 5.47 -0.10 -8.69
CA LEU A 179 5.58 1.34 -8.39
C LEU A 179 6.98 1.91 -8.04
N GLY A 180 7.68 1.24 -7.12
CA GLY A 180 8.89 1.82 -6.59
C GLY A 180 10.07 0.86 -6.64
N LYS A 181 10.80 0.81 -5.53
CA LYS A 181 12.06 0.10 -5.47
C LYS A 181 12.36 -0.26 -4.01
N THR A 182 13.29 -1.21 -3.86
CA THR A 182 13.76 -1.57 -2.54
C THR A 182 15.01 -0.72 -2.34
N HIS A 183 15.33 -0.41 -1.10
CA HIS A 183 16.48 0.42 -0.78
C HIS A 183 17.31 -0.33 0.24
N LEU A 184 18.59 -0.59 -0.08
CA LEU A 184 19.39 -1.46 0.76
C LEU A 184 19.35 -1.05 2.24
N LYS A 185 19.45 0.26 2.53
CA LYS A 185 19.41 0.74 3.93
C LYS A 185 18.07 0.53 4.63
N ASN A 186 16.97 0.43 3.90
CA ASN A 186 15.69 0.22 4.60
C ASN A 186 15.43 -1.23 4.90
N SER A 187 15.70 -2.08 3.91
CA SER A 187 15.17 -3.45 3.95
C SER A 187 16.21 -4.55 3.69
N GLY A 188 17.40 -4.19 3.24
CA GLY A 188 18.39 -5.24 2.92
C GLY A 188 18.22 -5.81 1.52
N TYR A 189 17.48 -5.09 0.68
CA TYR A 189 17.20 -5.42 -0.70
C TYR A 189 17.45 -4.20 -1.52
N GLU A 190 17.93 -4.39 -2.74
CA GLU A 190 18.23 -3.21 -3.55
C GLU A 190 17.82 -3.33 -5.01
N GLY A 191 17.05 -2.34 -5.45
CA GLY A 191 16.72 -2.16 -6.84
C GLY A 191 15.25 -2.06 -7.17
N PRO A 192 14.92 -1.64 -8.41
CA PRO A 192 13.51 -1.51 -8.75
C PRO A 192 12.86 -2.81 -9.25
N TRP A 193 11.54 -2.93 -9.12
CA TRP A 193 10.85 -4.08 -9.69
C TRP A 193 10.64 -3.95 -11.19
N GLY A 194 10.80 -2.75 -11.74
CA GLY A 194 10.58 -2.47 -13.17
C GLY A 194 11.09 -1.12 -13.65
N ALA A 195 10.64 -0.71 -14.83
CA ALA A 195 11.19 0.43 -15.57
C ALA A 195 10.74 1.72 -14.94
N ALA A 196 11.68 2.69 -14.98
CA ALA A 196 11.66 4.01 -14.28
C ALA A 196 10.30 4.62 -13.92
N ASN A 197 9.51 4.97 -14.95
CA ASN A 197 8.05 5.23 -14.81
C ASN A 197 7.43 6.12 -13.70
N ASN A 198 6.40 6.82 -14.12
CA ASN A 198 5.57 7.53 -13.19
C ASN A 198 4.10 7.11 -13.40
N VAL A 199 3.92 5.86 -13.79
CA VAL A 199 2.57 5.32 -14.05
C VAL A 199 2.40 3.94 -13.36
N PHE A 200 1.20 3.72 -12.81
CA PHE A 200 0.71 2.44 -12.21
C PHE A 200 0.48 1.69 -13.50
N THR A 201 1.23 0.61 -13.72
CA THR A 201 0.73 -0.56 -14.39
C THR A 201 0.80 -1.94 -13.84
N ASN A 202 0.50 -2.86 -14.76
CA ASN A 202 0.58 -4.32 -14.58
C ASN A 202 1.98 -4.88 -14.95
N GLU A 203 2.99 -4.02 -15.03
CA GLU A 203 4.35 -4.43 -15.41
C GLU A 203 5.04 -5.46 -14.45
N PHE A 204 4.60 -5.52 -13.17
CA PHE A 204 5.09 -6.46 -12.19
C PHE A 204 4.94 -7.90 -12.72
N TYR A 205 3.77 -8.19 -13.31
CA TYR A 205 3.41 -9.48 -13.80
C TYR A 205 4.13 -9.78 -15.13
N LEU A 206 4.17 -8.78 -16.02
CA LEU A 206 4.97 -8.85 -17.23
C LEU A 206 6.46 -9.07 -16.96
N ASN A 207 7.03 -8.39 -15.96
CA ASN A 207 8.43 -8.61 -15.60
C ASN A 207 8.72 -9.98 -15.02
N LEU A 208 7.94 -10.42 -14.04
CA LEU A 208 8.06 -11.79 -13.50
C LEU A 208 8.15 -12.88 -14.60
N LEU A 209 7.32 -12.70 -15.65
CA LEU A 209 7.14 -13.69 -16.70
C LEU A 209 8.13 -13.57 -17.83
N ASN A 210 8.51 -12.34 -18.17
CA ASN A 210 9.33 -12.09 -19.35
C ASN A 210 10.80 -11.78 -19.08
N GLU A 211 11.16 -11.39 -17.86
CA GLU A 211 12.57 -11.15 -17.58
C GLU A 211 13.34 -12.46 -17.36
N ASP A 212 14.62 -12.47 -17.70
CA ASP A 212 15.49 -13.61 -17.36
C ASP A 212 16.01 -13.35 -15.96
N TRP A 213 15.52 -14.11 -15.00
CA TRP A 213 15.90 -13.92 -13.58
C TRP A 213 17.05 -14.80 -13.09
N LYS A 214 17.99 -14.18 -12.37
CA LYS A 214 19.07 -14.86 -11.69
C LYS A 214 19.06 -14.63 -10.18
N LEU A 215 19.10 -15.74 -9.44
CA LEU A 215 19.16 -15.66 -8.01
C LEU A 215 20.56 -15.28 -7.53
N GLU A 216 20.67 -14.07 -6.99
CA GLU A 216 21.95 -13.43 -6.64
C GLU A 216 21.97 -13.01 -5.19
N LYS A 217 23.15 -12.78 -4.62
CA LYS A 217 23.23 -12.11 -3.32
C LYS A 217 23.52 -10.60 -3.47
N ASN A 218 22.70 -9.77 -2.82
CA ASN A 218 22.90 -8.32 -2.84
C ASN A 218 23.97 -7.92 -1.80
N ASP A 219 24.22 -6.61 -1.66
CA ASP A 219 25.30 -6.14 -0.76
C ASP A 219 24.96 -6.30 0.71
N ALA A 220 23.75 -6.72 1.02
CA ALA A 220 23.39 -6.93 2.39
C ALA A 220 23.44 -8.43 2.72
N ASN A 221 23.90 -9.23 1.74
CA ASN A 221 24.09 -10.67 1.87
C ASN A 221 22.77 -11.41 1.90
N ASN A 222 21.82 -10.93 1.09
CA ASN A 222 20.47 -11.50 1.06
C ASN A 222 20.25 -11.83 -0.36
N GLU A 223 19.55 -12.94 -0.62
CA GLU A 223 19.18 -13.33 -1.97
C GLU A 223 17.97 -12.56 -2.50
N GLN A 224 18.06 -12.21 -3.78
CA GLN A 224 17.00 -11.56 -4.53
C GLN A 224 17.24 -11.98 -5.98
N TRP A 225 16.14 -12.04 -6.74
CA TRP A 225 16.13 -12.39 -8.13
C TRP A 225 16.40 -11.14 -8.95
N ASP A 226 17.40 -11.21 -9.82
CA ASP A 226 17.87 -10.05 -10.56
C ASP A 226 17.77 -10.33 -12.04
N SER A 227 17.47 -9.27 -12.80
CA SER A 227 17.34 -9.39 -14.24
C SER A 227 18.36 -8.54 -14.98
N LYS A 228 18.58 -8.90 -16.25
CA LYS A 228 19.51 -8.20 -17.15
C LYS A 228 19.11 -6.75 -17.41
N SER A 229 17.82 -6.42 -17.22
CA SER A 229 17.35 -5.01 -17.28
C SER A 229 17.67 -4.15 -16.07
N GLY A 230 18.27 -4.72 -15.03
CA GLY A 230 18.44 -4.01 -13.76
C GLY A 230 17.22 -4.06 -12.84
N TYR A 231 16.33 -5.04 -13.04
CA TYR A 231 15.16 -5.14 -12.18
C TYR A 231 15.44 -6.20 -11.14
N MET A 232 14.66 -6.20 -10.05
CA MET A 232 14.77 -7.27 -9.07
C MET A 232 13.39 -7.73 -8.64
N MET A 233 13.37 -8.91 -8.02
CA MET A 233 12.21 -9.50 -7.40
C MET A 233 12.62 -10.08 -6.04
N LEU A 234 11.79 -9.84 -5.03
CA LEU A 234 12.00 -10.52 -3.73
C LEU A 234 11.71 -12.02 -3.86
N PRO A 235 12.32 -12.82 -2.99
CA PRO A 235 11.85 -14.23 -2.92
C PRO A 235 10.32 -14.37 -2.81
N THR A 236 9.65 -13.52 -2.04
CA THR A 236 8.21 -13.66 -1.94
C THR A 236 7.53 -13.30 -3.28
N ASP A 237 8.04 -12.31 -4.04
CA ASP A 237 7.54 -11.98 -5.38
C ASP A 237 7.71 -13.16 -6.37
N TYR A 238 8.95 -13.61 -6.42
CA TYR A 238 9.30 -14.76 -7.24
C TYR A 238 8.50 -15.98 -6.86
N SER A 239 8.10 -16.12 -5.58
CA SER A 239 7.24 -17.24 -5.14
C SER A 239 5.91 -17.35 -5.93
N LEU A 240 5.50 -16.24 -6.53
CA LEU A 240 4.20 -16.13 -7.22
C LEU A 240 4.25 -16.78 -8.59
N ILE A 241 5.44 -16.98 -9.12
CA ILE A 241 5.61 -17.81 -10.32
C ILE A 241 6.12 -19.25 -10.07
N GLN A 242 6.51 -19.55 -8.84
CA GLN A 242 6.90 -20.91 -8.44
C GLN A 242 5.70 -21.74 -8.00
N ASP A 243 4.69 -21.09 -7.41
CA ASP A 243 3.51 -21.79 -6.99
C ASP A 243 2.55 -21.79 -8.20
N PRO A 244 2.02 -22.97 -8.57
CA PRO A 244 1.16 -23.02 -9.77
C PRO A 244 -0.17 -22.24 -9.66
N LYS A 245 -0.71 -22.12 -8.44
CA LYS A 245 -2.00 -21.38 -8.28
C LYS A 245 -1.76 -19.89 -8.41
N TYR A 246 -0.68 -19.41 -7.79
CA TYR A 246 -0.24 -18.05 -8.00
C TYR A 246 0.11 -17.77 -9.46
N LEU A 247 0.83 -18.70 -10.07
CA LEU A 247 1.30 -18.51 -11.43
C LEU A 247 0.16 -18.22 -12.42
N SER A 248 -0.95 -18.96 -12.33
CA SER A 248 -2.08 -18.77 -13.20
C SER A 248 -2.62 -17.33 -13.07
N ILE A 249 -2.72 -16.84 -11.84
CA ILE A 249 -3.19 -15.43 -11.63
C ILE A 249 -2.21 -14.37 -12.14
N VAL A 250 -0.91 -14.60 -11.91
CA VAL A 250 0.20 -13.77 -12.50
C VAL A 250 0.01 -13.59 -14.01
N LYS A 251 -0.27 -14.70 -14.69
CA LYS A 251 -0.49 -14.74 -16.16
C LYS A 251 -1.76 -14.03 -16.61
N GLU A 252 -2.83 -14.21 -15.82
CA GLU A 252 -4.05 -13.51 -16.05
C GLU A 252 -3.87 -11.98 -16.00
N TYR A 253 -3.15 -11.47 -14.99
CA TYR A 253 -2.98 -10.01 -14.85
C TYR A 253 -1.96 -9.46 -15.86
N ALA A 254 -0.98 -10.31 -16.26
CA ALA A 254 0.03 -9.95 -17.23
C ALA A 254 -0.65 -9.74 -18.57
N ASN A 255 -1.76 -10.42 -18.75
CA ASN A 255 -2.49 -10.37 -19.99
C ASN A 255 -3.80 -9.58 -20.02
N ASP A 256 -4.08 -8.83 -18.96
CA ASP A 256 -5.34 -8.11 -18.89
C ASP A 256 -5.19 -6.94 -17.88
N GLN A 257 -4.72 -5.79 -18.37
CA GLN A 257 -4.52 -4.57 -17.56
C GLN A 257 -5.82 -4.13 -16.83
N ASP A 258 -6.96 -4.28 -17.51
CA ASP A 258 -8.25 -3.87 -16.93
C ASP A 258 -8.67 -4.77 -15.78
N LYS A 259 -8.44 -6.09 -15.94
CA LYS A 259 -8.73 -7.03 -14.89
C LYS A 259 -7.86 -6.74 -13.66
N PHE A 260 -6.57 -6.55 -13.90
CA PHE A 260 -5.66 -6.22 -12.82
C PHE A 260 -6.14 -4.93 -12.08
N PHE A 261 -6.45 -3.88 -12.84
CA PHE A 261 -6.92 -2.61 -12.22
C PHE A 261 -8.13 -2.81 -11.34
N LYS A 262 -9.16 -3.46 -11.88
CA LYS A 262 -10.34 -3.77 -11.10
C LYS A 262 -10.10 -4.59 -9.87
N ASP A 263 -9.30 -5.67 -9.97
CA ASP A 263 -9.02 -6.51 -8.82
C ASP A 263 -8.12 -5.80 -7.82
N PHE A 264 -7.16 -5.02 -8.30
CA PHE A 264 -6.30 -4.30 -7.36
C PHE A 264 -7.15 -3.28 -6.51
N SER A 265 -8.02 -2.55 -7.21
CA SER A 265 -8.89 -1.50 -6.62
C SER A 265 -9.69 -2.13 -5.46
N LYS A 266 -10.40 -3.23 -5.77
CA LYS A 266 -11.15 -3.97 -4.78
C LYS A 266 -10.34 -4.45 -3.59
N ALA A 267 -9.19 -5.10 -3.86
CA ALA A 267 -8.34 -5.60 -2.80
C ALA A 267 -7.70 -4.55 -1.93
N PHE A 268 -7.28 -3.45 -2.55
CA PHE A 268 -6.59 -2.37 -1.86
C PHE A 268 -7.62 -1.63 -0.97
N GLU A 269 -8.85 -1.53 -1.45
CA GLU A 269 -9.93 -0.93 -0.62
C GLU A 269 -10.26 -1.83 0.55
N LYS A 270 -10.42 -3.12 0.28
CA LYS A 270 -10.61 -4.08 1.36
C LYS A 270 -9.48 -3.99 2.41
N LEU A 271 -8.22 -4.03 1.94
CA LEU A 271 -7.07 -3.89 2.82
C LEU A 271 -7.21 -2.68 3.77
N LEU A 272 -7.45 -1.52 3.15
CA LEU A 272 -7.63 -0.26 3.86
C LEU A 272 -8.87 -0.23 4.77
N GLU A 273 -9.83 -1.14 4.55
CA GLU A 273 -11.05 -1.12 5.35
C GLU A 273 -11.21 -2.24 6.36
N ASN A 274 -10.35 -3.27 6.28
CA ASN A 274 -10.33 -4.35 7.27
C ASN A 274 -10.37 -3.86 8.72
N GLY A 275 -11.27 -4.47 9.50
CA GLY A 275 -11.41 -4.15 10.92
C GLY A 275 -12.41 -3.07 11.27
N ILE A 276 -12.95 -2.40 10.25
CA ILE A 276 -13.87 -1.26 10.46
C ILE A 276 -15.30 -1.65 10.18
N THR A 277 -16.19 -1.32 11.13
CA THR A 277 -17.61 -1.48 10.98
C THR A 277 -18.14 -0.12 10.53
N PHE A 278 -18.79 -0.12 9.36
CA PHE A 278 -19.46 1.07 8.84
C PHE A 278 -20.96 0.94 9.11
N PRO A 279 -21.54 1.90 9.87
CA PRO A 279 -23.01 1.99 10.05
C PRO A 279 -23.80 1.86 8.74
N LYS A 280 -25.01 1.28 8.82
CA LYS A 280 -25.93 1.19 7.69
C LYS A 280 -26.23 2.56 7.04
N ASP A 281 -26.13 3.63 7.82
CA ASP A 281 -26.34 4.99 7.29
C ASP A 281 -25.02 5.81 7.16
N ALA A 282 -23.86 5.10 7.14
CA ALA A 282 -22.58 5.70 6.72
C ALA A 282 -22.69 6.19 5.26
N PRO A 283 -21.96 7.28 4.91
CA PRO A 283 -21.96 7.64 3.48
C PRO A 283 -21.39 6.51 2.60
N SER A 284 -21.71 6.56 1.32
CA SER A 284 -21.10 5.66 0.36
C SER A 284 -19.63 5.96 0.25
N PRO A 285 -18.84 4.96 -0.25
CA PRO A 285 -17.46 5.28 -0.61
C PRO A 285 -17.36 6.47 -1.56
N PHE A 286 -16.31 7.25 -1.39
CA PHE A 286 -16.05 8.39 -2.24
C PHE A 286 -15.06 7.90 -3.33
N ILE A 287 -15.30 8.29 -4.57
CA ILE A 287 -14.34 8.17 -5.66
C ILE A 287 -13.88 9.58 -6.04
N PHE A 288 -12.69 9.95 -5.56
CA PHE A 288 -12.03 11.21 -5.92
C PHE A 288 -11.58 11.33 -7.34
N LYS A 289 -11.77 12.52 -7.89
CA LYS A 289 -11.25 12.92 -9.18
C LYS A 289 -9.77 13.24 -9.01
N THR A 290 -8.98 12.87 -10.02
CA THR A 290 -7.56 13.21 -10.06
C THR A 290 -7.39 14.69 -10.39
N LEU A 291 -6.21 15.24 -10.16
CA LEU A 291 -5.98 16.64 -10.57
C LEU A 291 -6.25 16.87 -12.05
N GLU A 292 -5.83 15.91 -12.87
CA GLU A 292 -6.01 15.88 -14.30
C GLU A 292 -7.49 15.87 -14.73
N GLU A 293 -8.32 15.08 -14.05
CA GLU A 293 -9.73 15.07 -14.39
C GLU A 293 -10.37 16.39 -13.96
N GLN A 294 -9.76 17.08 -13.00
CA GLN A 294 -10.27 18.41 -12.51
C GLN A 294 -9.73 19.59 -13.31
N GLY A 295 -8.71 19.31 -14.14
CA GLY A 295 -8.01 20.34 -14.91
C GLY A 295 -7.17 21.19 -13.96
N LEU A 296 -6.75 20.56 -12.86
CA LEU A 296 -5.90 21.24 -11.87
C LEU A 296 -4.43 20.82 -12.05
CHA HEM B . 8.43 -1.88 -1.01
CHB HEM B . 8.26 -6.30 1.12
CHC HEM B . 3.53 -6.67 -0.14
CHD HEM B . 3.58 -2.02 -1.63
C1A HEM B . 8.79 -3.02 -0.35
C2A HEM B . 10.10 -3.32 0.15
C3A HEM B . 10.08 -4.57 0.73
C4A HEM B . 8.73 -5.08 0.63
CMA HEM B . 11.23 -5.33 1.42
CAA HEM B . 11.28 -2.33 -0.01
CBA HEM B . 11.35 -1.49 1.25
CGA HEM B . 12.42 -0.47 1.08
O1A HEM B . 13.58 -0.87 1.08
O2A HEM B . 12.15 0.74 0.94
C1B HEM B . 7.00 -6.84 0.89
C2B HEM B . 6.56 -8.20 1.12
C3B HEM B . 5.25 -8.31 0.76
C4B HEM B . 4.81 -7.01 0.30
CMB HEM B . 7.52 -9.30 1.67
CAB HEM B . 4.27 -9.53 0.80
CBB HEM B . 4.62 -10.81 0.91
C1C HEM B . 3.07 -5.41 -0.54
C2C HEM B . 1.71 -4.98 -0.71
C3C HEM B . 1.74 -3.66 -1.12
C4C HEM B . 3.12 -3.26 -1.24
CMC HEM B . 0.48 -5.88 -0.41
CAC HEM B . 0.60 -2.68 -1.44
CBC HEM B . -0.46 -3.10 -2.16
C1D HEM B . 4.88 -1.58 -1.76
C2D HEM B . 5.36 -0.40 -2.48
C3D HEM B . 6.87 -0.36 -2.26
C4D HEM B . 7.17 -1.52 -1.44
CMD HEM B . 4.54 0.65 -3.28
CAD HEM B . 7.88 0.65 -2.82
CBD HEM B . 8.21 1.61 -1.69
CGD HEM B . 9.20 2.62 -2.22
O1D HEM B . 9.72 3.39 -1.37
O2D HEM B . 9.45 2.63 -3.47
NA HEM B . 7.97 -4.09 -0.02
NB HEM B . 5.90 -6.15 0.38
NC HEM B . 3.88 -4.34 -0.87
ND HEM B . 5.98 -2.20 -1.16
FE HEM B . 5.99 -4.24 -0.59
CAA JZ3 C . -0.21 12.78 14.26
OAG JZ3 C . -0.20 13.64 13.10
CAI JZ3 C . -0.12 13.21 11.78
CAF JZ3 C . -0.98 12.20 11.33
CAD JZ3 C . -0.92 11.77 10.00
CAC JZ3 C . 0.00 12.31 9.10
CAE JZ3 C . 0.90 13.32 9.48
CAH JZ3 C . 0.87 13.79 10.79
OAB JZ3 C . 1.75 14.77 11.13
#